data_8PMN
#
_entry.id   8PMN
#
_cell.length_a   38.658
_cell.length_b   47.118
_cell.length_c   72.301
_cell.angle_alpha   90.00
_cell.angle_beta   90.00
_cell.angle_gamma   90.00
#
_symmetry.space_group_name_H-M   'P 21 21 21'
#
loop_
_entity.id
_entity.type
_entity.pdbx_description
1 polymer DNA
2 polymer 'BarH-like 2 homeobox protein'
3 polymer DNA
4 water water
#
loop_
_entity_poly.entity_id
_entity_poly.type
_entity_poly.pdbx_seq_one_letter_code
_entity_poly.pdbx_strand_id
1 'polydeoxyribonucleotide' (DC)(DG)(DC)(DT)(DA)(DA)(DA)(DC)(DG)(DG)(DT)(DT) B
2 'polypeptide(L)' PRKARTAFSDHQLNQLERSFERQKYLSVQDRMDLAAALNLTDTQVKTWYQNRRTKWKRQTAV A
3 'polydeoxyribonucleotide' (DA)(DA)(DC)(DC)(DG)(DT)(DT)(DT)(DA)(DG)(DC)(DG) D
#
loop_
_chem_comp.id
_chem_comp.type
_chem_comp.name
_chem_comp.formula
DA DNA linking 2'-DEOXYADENOSINE-5'-MONOPHOSPHATE 'C10 H14 N5 O6 P'
DC DNA linking 2'-DEOXYCYTIDINE-5'-MONOPHOSPHATE 'C9 H14 N3 O7 P'
DG DNA linking 2'-DEOXYGUANOSINE-5'-MONOPHOSPHATE 'C10 H14 N5 O7 P'
DT DNA linking THYMIDINE-5'-MONOPHOSPHATE 'C10 H15 N2 O8 P'
#
# COMPACT_ATOMS: atom_id res chain seq x y z
N PRO B 1 -20.49 8.97 7.64
CA PRO B 1 -19.94 7.83 8.41
C PRO B 1 -18.54 7.46 7.86
N ARG B 2 -17.53 7.79 8.64
CA ARG B 2 -16.12 7.47 8.36
C ARG B 2 -15.80 5.99 8.53
N LYS B 3 -14.92 5.43 7.73
CA LYS B 3 -14.41 4.07 7.95
C LYS B 3 -13.46 4.11 9.16
N ALA B 4 -13.51 3.06 9.97
CA ALA B 4 -12.48 2.84 11.00
C ALA B 4 -11.09 2.87 10.40
N ARG B 5 -10.08 3.36 11.12
CA ARG B 5 -8.71 3.41 10.66
C ARG B 5 -8.11 2.02 10.75
N THR B 6 -7.68 1.46 9.64
CA THR B 6 -7.02 0.13 9.63
C THR B 6 -5.69 0.25 10.38
N ALA B 7 -5.43 -0.71 11.26
CA ALA B 7 -4.11 -0.89 11.90
C ALA B 7 -3.43 -2.09 11.23
N PHE B 8 -2.43 -1.84 10.43
CA PHE B 8 -1.71 -2.89 9.68
C PHE B 8 -0.78 -3.65 10.60
N SER B 9 -0.71 -4.97 10.41
CA SER B 9 0.27 -5.80 11.13
C SER B 9 1.70 -5.49 10.66
N ASP B 10 2.69 -5.95 11.42
CA ASP B 10 4.09 -5.79 10.94
C ASP B 10 4.28 -6.61 9.66
N HIS B 11 3.70 -7.79 9.55
CA HIS B 11 3.83 -8.60 8.31
C HIS B 11 3.26 -7.83 7.12
N GLN B 12 2.10 -7.21 7.31
CA GLN B 12 1.41 -6.52 6.22
C GLN B 12 2.29 -5.33 5.81
N LEU B 13 2.78 -4.51 6.76
CA LEU B 13 3.64 -3.36 6.45
C LEU B 13 4.93 -3.83 5.76
N ASN B 14 5.58 -4.88 6.23
CA ASN B 14 6.81 -5.37 5.56
C ASN B 14 6.49 -5.76 4.10
N GLN B 15 5.38 -6.44 3.89
CA GLN B 15 5.03 -6.92 2.51
C GLN B 15 4.63 -5.75 1.63
N LEU B 16 3.89 -4.81 2.15
CA LEU B 16 3.51 -3.60 1.37
C LEU B 16 4.79 -2.87 0.96
N GLU B 17 5.73 -2.68 1.88
CA GLU B 17 6.99 -1.91 1.58
C GLU B 17 7.83 -2.71 0.59
N ARG B 18 7.88 -4.05 0.68
CA ARG B 18 8.64 -4.86 -0.32
C ARG B 18 8.00 -4.67 -1.69
N SER B 19 6.67 -4.66 -1.77
CA SER B 19 5.96 -4.42 -3.06
C SER B 19 6.35 -3.05 -3.60
N PHE B 20 6.30 -2.04 -2.76
CA PHE B 20 6.55 -0.66 -3.20
C PHE B 20 7.97 -0.47 -3.67
N GLU B 21 8.94 -1.13 -3.06
CA GLU B 21 10.34 -1.04 -3.55
C GLU B 21 10.40 -1.64 -4.95
N ARG B 22 9.70 -2.75 -5.21
CA ARG B 22 9.68 -3.37 -6.55
C ARG B 22 8.96 -2.49 -7.58
N GLN B 23 7.77 -2.01 -7.25
CA GLN B 23 6.87 -1.36 -8.23
C GLN B 23 6.17 -0.22 -7.54
N LYS B 24 6.29 0.98 -8.05
CA LYS B 24 5.68 2.17 -7.47
C LYS B 24 4.20 2.27 -7.83
N TYR B 25 3.83 1.63 -8.92
CA TYR B 25 2.44 1.52 -9.38
C TYR B 25 2.14 0.05 -9.66
N LEU B 26 0.96 -0.39 -9.25
CA LEU B 26 0.56 -1.77 -9.50
C LEU B 26 -0.54 -1.83 -10.56
N SER B 27 -0.52 -2.84 -11.37
CA SER B 27 -1.69 -3.19 -12.18
C SER B 27 -2.85 -3.56 -11.25
N VAL B 28 -4.06 -3.58 -11.75
CA VAL B 28 -5.26 -3.99 -10.99
C VAL B 28 -5.04 -5.43 -10.47
N GLN B 29 -4.52 -6.33 -11.29
CA GLN B 29 -4.33 -7.74 -10.89
C GLN B 29 -3.29 -7.81 -9.77
N ASP B 30 -2.18 -7.11 -9.91
CA ASP B 30 -1.10 -7.18 -8.89
C ASP B 30 -1.64 -6.61 -7.60
N ARG B 31 -2.40 -5.52 -7.67
CA ARG B 31 -2.98 -4.89 -6.43
C ARG B 31 -3.92 -5.89 -5.77
N MET B 32 -4.80 -6.53 -6.54
CA MET B 32 -5.73 -7.52 -5.95
C MET B 32 -4.95 -8.68 -5.35
N ASP B 33 -3.91 -9.18 -6.03
CA ASP B 33 -3.13 -10.35 -5.55
C ASP B 33 -2.46 -9.97 -4.23
N LEU B 34 -2.00 -8.73 -4.10
CA LEU B 34 -1.32 -8.32 -2.84
C LEU B 34 -2.37 -8.28 -1.74
N ALA B 35 -3.53 -7.68 -1.98
CA ALA B 35 -4.62 -7.61 -0.98
C ALA B 35 -4.98 -9.04 -0.53
N ALA B 36 -5.14 -9.97 -1.44
CA ALA B 36 -5.49 -11.36 -1.08
C ALA B 36 -4.39 -12.01 -0.25
N ALA B 37 -3.12 -11.78 -0.58
CA ALA B 37 -2.00 -12.46 0.14
C ALA B 37 -1.97 -11.94 1.57
N LEU B 38 -2.35 -10.68 1.74
CA LEU B 38 -2.25 -10.03 3.07
C LEU B 38 -3.59 -10.02 3.82
N ASN B 39 -4.66 -10.60 3.28
CA ASN B 39 -5.99 -10.55 3.97
C ASN B 39 -6.38 -9.11 4.25
N LEU B 40 -6.17 -8.25 3.27
CA LEU B 40 -6.60 -6.84 3.30
C LEU B 40 -7.60 -6.63 2.18
N THR B 41 -8.37 -5.55 2.27
CA THR B 41 -9.31 -5.25 1.18
C THR B 41 -8.57 -4.61 0.02
N ASP B 42 -9.11 -4.72 -1.18
CA ASP B 42 -8.54 -4.07 -2.36
C ASP B 42 -8.36 -2.58 -2.13
N THR B 43 -9.34 -1.93 -1.49
CA THR B 43 -9.29 -0.48 -1.25
C THR B 43 -8.19 -0.16 -0.23
N GLN B 44 -8.01 -0.96 0.83
CA GLN B 44 -6.96 -0.68 1.78
C GLN B 44 -5.60 -0.74 1.08
N VAL B 45 -5.35 -1.69 0.20
CA VAL B 45 -4.06 -1.71 -0.55
C VAL B 45 -3.95 -0.51 -1.47
N LYS B 46 -5.03 -0.19 -2.20
CA LYS B 46 -5.01 0.93 -3.15
C LYS B 46 -4.66 2.22 -2.39
N THR B 47 -5.29 2.41 -1.25
CA THR B 47 -5.07 3.61 -0.41
C THR B 47 -3.65 3.63 0.17
N TRP B 48 -3.18 2.46 0.59
CA TRP B 48 -1.80 2.41 1.13
C TRP B 48 -0.82 2.79 0.05
N TYR B 49 -0.98 2.29 -1.16
CA TYR B 49 -0.06 2.58 -2.27
C TYR B 49 -0.15 4.05 -2.62
N GLN B 50 -1.34 4.65 -2.59
CA GLN B 50 -1.52 6.06 -2.94
C GLN B 50 -0.81 6.94 -1.90
N ASN B 51 -1.05 6.70 -0.64
CA ASN B 51 -0.41 7.46 0.44
C ASN B 51 1.09 7.17 0.45
N ARG B 52 1.51 6.00 0.10
CA ARG B 52 2.95 5.69 0.04
C ARG B 52 3.60 6.54 -1.05
N ARG B 53 2.96 6.67 -2.22
CA ARG B 53 3.48 7.53 -3.28
C ARG B 53 3.58 8.97 -2.77
N THR B 54 2.65 9.45 -1.97
CA THR B 54 2.75 10.83 -1.43
C THR B 54 4.06 10.94 -0.61
N LYS B 55 4.30 9.98 0.26
CA LYS B 55 5.49 10.01 1.14
C LYS B 55 6.76 9.92 0.29
N TRP B 56 6.72 9.08 -0.70
CA TRP B 56 7.83 8.84 -1.66
C TRP B 56 8.17 10.13 -2.38
N LYS B 57 7.17 10.88 -2.83
CA LYS B 57 7.40 12.15 -3.57
C LYS B 57 8.02 13.19 -2.61
N ARG B 58 7.57 13.17 -1.35
N ARG B 58 7.60 13.17 -1.35
CA ARG B 58 8.13 14.06 -0.30
CA ARG B 58 8.16 14.14 -0.38
C ARG B 58 9.63 13.78 -0.15
C ARG B 58 9.64 13.79 -0.12
N GLN B 59 9.97 12.51 -0.07
CA GLN B 59 11.39 12.14 0.10
C GLN B 59 12.21 12.44 -1.17
N THR B 60 11.63 12.27 -2.38
CA THR B 60 12.32 12.60 -3.62
C THR B 60 12.68 14.09 -3.64
N ALA B 61 11.81 14.92 -3.08
CA ALA B 61 11.95 16.38 -3.15
C ALA B 61 13.09 16.91 -2.25
N VAL B 62 13.63 16.09 -1.35
CA VAL B 62 14.85 16.47 -0.60
C VAL B 62 16.04 15.60 -0.99
#